data_4PAK
#
_entry.id   4PAK
#
_cell.length_a   78.023
_cell.length_b   78.023
_cell.length_c   110.477
_cell.angle_alpha   90.000
_cell.angle_beta   90.000
_cell.angle_gamma   120.000
#
_symmetry.space_group_name_H-M   'P 32 2 1'
#
loop_
_entity.id
_entity.type
_entity.pdbx_description
1 polymer 'TRAP dicarboxylate transporter, DctP subunit'
2 non-polymer 'SULFATE ION'
3 non-polymer PANTOATE
4 water water
#
_entity_poly.entity_id   1
_entity_poly.type   'polypeptide(L)'
_entity_poly.pdbx_seq_one_letter_code
;(MSE)HHHHHHSSGVDLGTENLYFQS(MSE)AAQTT(MSE)RINISTAQNSHQGVAIDTFAKEVEKRTGGRYKVQTFYNA
ALGAERESVEAVQLGTHELTFSSSGPIPNFVPETKILDVPFLFRDKAHARAVLDGPIGQELLTRFDGKGFKALAWAENGF
RH(MSE)SNSKRAVKEPGDLKGLK(MSE)RT(MSE)ENPVHIAAYKGFGIVTTP(MSE)AFSEVFTALQQGTVDGQENPL
SVIISAKFDQVQKHLTLTGHVYSPALFL(MSE)NKALFDKLPAADQQAFIDAARQGAKLNRARVDEDDAKGVADLRAKG
(MSE)TVIDNIDKARFVAALAPVNAQFEKQFGKAALEQIRSAQ
;
_entity_poly.pdbx_strand_id   A
#
# COMPACT_ATOMS: atom_id res chain seq x y z
N ALA A 24 -11.69 -27.66 -23.53
CA ALA A 24 -10.49 -26.99 -23.06
C ALA A 24 -10.41 -26.97 -21.53
N ALA A 25 -9.23 -27.29 -21.01
CA ALA A 25 -9.00 -27.27 -19.57
C ALA A 25 -9.10 -25.84 -19.05
N GLN A 26 -9.76 -25.69 -17.92
CA GLN A 26 -9.74 -24.44 -17.17
C GLN A 26 -8.27 -24.05 -16.92
N THR A 27 -7.92 -22.78 -17.15
CA THR A 27 -6.58 -22.26 -16.85
C THR A 27 -6.58 -21.75 -15.43
N THR A 28 -5.64 -22.23 -14.63
CA THR A 28 -5.51 -21.80 -13.25
C THR A 28 -4.28 -20.91 -13.10
N ARG A 30 -2.29 -18.07 -10.10
CA ARG A 30 -2.10 -17.85 -8.68
C ARG A 30 -1.87 -16.38 -8.41
N ILE A 31 -2.45 -15.89 -7.32
CA ILE A 31 -2.25 -14.53 -6.85
C ILE A 31 -1.98 -14.59 -5.36
N ASN A 32 -1.09 -13.73 -4.88
CA ASN A 32 -0.75 -13.70 -3.45
C ASN A 32 -0.70 -12.30 -2.90
N ILE A 33 -0.70 -12.25 -1.57
CA ILE A 33 -0.54 -11.06 -0.76
C ILE A 33 0.33 -11.40 0.45
N SER A 34 0.79 -10.35 1.12
CA SER A 34 1.61 -10.47 2.31
C SER A 34 0.80 -10.40 3.60
N THR A 35 -0.50 -10.18 3.48
CA THR A 35 -1.40 -10.00 4.63
C THR A 35 -2.38 -11.17 4.71
N ALA A 36 -3.25 -11.12 5.71
CA ALA A 36 -4.15 -12.22 6.01
C ALA A 36 -5.32 -12.31 5.04
N GLN A 37 -5.88 -13.49 4.88
CA GLN A 37 -7.13 -13.60 4.14
C GLN A 37 -8.19 -12.70 4.78
N ASN A 38 -8.26 -12.68 6.10
CA ASN A 38 -9.19 -11.80 6.79
C ASN A 38 -8.58 -10.41 6.96
N SER A 39 -8.53 -9.68 5.85
CA SER A 39 -8.01 -8.32 5.80
C SER A 39 -8.54 -7.65 4.56
N HIS A 40 -8.30 -6.35 4.48
CA HIS A 40 -8.64 -5.59 3.30
C HIS A 40 -8.03 -6.13 2.00
N GLN A 41 -6.84 -6.70 2.07
CA GLN A 41 -6.18 -7.24 0.89
C GLN A 41 -6.65 -8.65 0.56
N GLY A 42 -7.02 -9.41 1.58
CA GLY A 42 -7.65 -10.70 1.38
C GLY A 42 -8.98 -10.54 0.68
N VAL A 43 -9.77 -9.54 1.11
CA VAL A 43 -10.99 -9.23 0.41
C VAL A 43 -10.73 -8.86 -1.05
N ALA A 44 -9.67 -8.10 -1.28
CA ALA A 44 -9.34 -7.68 -2.62
C ALA A 44 -9.10 -8.88 -3.52
N ILE A 45 -8.24 -9.79 -3.09
CA ILE A 45 -7.87 -10.89 -4.00
C ILE A 45 -8.95 -11.95 -4.06
N ASP A 46 -9.67 -12.19 -2.97
CA ASP A 46 -10.76 -13.15 -3.03
C ASP A 46 -11.87 -12.66 -3.95
N THR A 47 -12.15 -11.36 -3.91
CA THR A 47 -13.17 -10.78 -4.78
C THR A 47 -12.72 -10.88 -6.22
N PHE A 48 -11.47 -10.49 -6.46
CA PHE A 48 -10.89 -10.62 -7.79
C PHE A 48 -11.03 -12.03 -8.35
N ALA A 49 -10.66 -13.02 -7.53
CA ALA A 49 -10.68 -14.41 -8.00
C ALA A 49 -12.11 -14.83 -8.33
N LYS A 50 -13.05 -14.49 -7.47
CA LYS A 50 -14.45 -14.83 -7.73
C LYS A 50 -14.96 -14.18 -9.02
N GLU A 51 -14.62 -12.92 -9.22
CA GLU A 51 -15.03 -12.18 -10.41
C GLU A 51 -14.40 -12.70 -11.70
N VAL A 52 -13.13 -13.10 -11.64
CA VAL A 52 -12.50 -13.62 -12.84
C VAL A 52 -13.22 -14.88 -13.28
N GLU A 53 -13.50 -15.76 -12.35
CA GLU A 53 -14.16 -17.01 -12.69
C GLU A 53 -15.56 -16.75 -13.28
N LYS A 54 -16.28 -15.83 -12.67
CA LYS A 54 -17.62 -15.49 -13.15
C LYS A 54 -17.57 -14.85 -14.53
N ARG A 55 -16.71 -13.86 -14.71
CA ARG A 55 -16.70 -13.04 -15.92
C ARG A 55 -16.05 -13.75 -17.12
N THR A 56 -15.38 -14.87 -16.87
CA THR A 56 -14.76 -15.62 -17.96
C THR A 56 -15.50 -16.93 -18.21
N GLY A 57 -16.74 -17.01 -17.71
CA GLY A 57 -17.55 -18.20 -17.91
C GLY A 57 -16.85 -19.46 -17.40
N GLY A 58 -16.05 -19.31 -16.36
CA GLY A 58 -15.36 -20.42 -15.73
C GLY A 58 -14.08 -20.86 -16.43
N ARG A 59 -13.71 -20.18 -17.50
CA ARG A 59 -12.53 -20.58 -18.27
C ARG A 59 -11.21 -20.27 -17.56
N TYR A 60 -11.22 -19.27 -16.68
CA TYR A 60 -10.06 -18.95 -15.86
C TYR A 60 -10.42 -19.07 -14.38
N LYS A 61 -9.48 -19.58 -13.59
CA LYS A 61 -9.64 -19.65 -12.14
C LYS A 61 -8.36 -19.11 -11.50
N VAL A 62 -8.53 -18.43 -10.38
CA VAL A 62 -7.39 -17.84 -9.69
C VAL A 62 -7.34 -18.38 -8.27
N GLN A 63 -6.25 -19.06 -7.95
CA GLN A 63 -6.00 -19.56 -6.60
C GLN A 63 -5.34 -18.47 -5.78
N THR A 64 -5.81 -18.28 -4.56
CA THR A 64 -5.38 -17.21 -3.69
C THR A 64 -4.46 -17.72 -2.56
N PHE A 65 -3.42 -16.93 -2.27
CA PHE A 65 -2.38 -17.23 -1.28
C PHE A 65 -2.19 -16.01 -0.41
N TYR A 66 -1.95 -16.26 0.88
CA TYR A 66 -1.96 -15.21 1.88
C TYR A 66 -0.71 -15.25 2.74
N ASN A 67 -0.53 -14.19 3.53
CA ASN A 67 0.53 -14.16 4.54
C ASN A 67 1.90 -14.47 3.94
N ALA A 68 2.14 -13.92 2.75
CA ALA A 68 3.41 -14.01 2.04
C ALA A 68 3.79 -15.42 1.60
N ALA A 69 2.82 -16.33 1.52
CA ALA A 69 3.02 -17.51 0.72
C ALA A 69 3.32 -17.05 -0.71
N LEU A 70 4.30 -17.70 -1.33
CA LEU A 70 4.84 -17.35 -2.66
C LEU A 70 5.68 -16.07 -2.63
N GLY A 71 5.93 -15.55 -1.44
CA GLY A 71 6.81 -14.40 -1.26
C GLY A 71 6.13 -13.19 -0.65
N ALA A 72 6.90 -12.33 0.02
CA ALA A 72 6.42 -11.03 0.43
C ALA A 72 6.43 -10.08 -0.79
N GLU A 73 6.17 -8.80 -0.59
CA GLU A 73 5.79 -7.98 -1.73
C GLU A 73 6.89 -7.78 -2.78
N ARG A 74 8.10 -7.41 -2.37
CA ARG A 74 9.14 -7.16 -3.37
C ARG A 74 9.43 -8.44 -4.16
N GLU A 75 9.61 -9.55 -3.46
CA GLU A 75 9.84 -10.83 -4.12
C GLU A 75 8.70 -11.20 -5.07
N SER A 76 7.48 -10.89 -4.67
CA SER A 76 6.31 -11.24 -5.48
C SER A 76 6.20 -10.39 -6.73
N VAL A 77 6.48 -9.10 -6.62
CA VAL A 77 6.47 -8.23 -7.78
C VAL A 77 7.55 -8.70 -8.75
N GLU A 78 8.72 -9.04 -8.24
CA GLU A 78 9.78 -9.59 -9.07
C GLU A 78 9.34 -10.90 -9.73
N ALA A 79 8.65 -11.75 -8.97
CA ALA A 79 8.19 -13.04 -9.47
C ALA A 79 7.19 -12.87 -10.62
N VAL A 80 6.27 -11.93 -10.47
CA VAL A 80 5.30 -11.64 -11.51
C VAL A 80 6.01 -11.11 -12.75
N GLN A 81 7.00 -10.24 -12.56
CA GLN A 81 7.79 -9.75 -13.67
C GLN A 81 8.51 -10.89 -14.38
N LEU A 82 9.10 -11.81 -13.62
CA LEU A 82 9.76 -12.99 -14.18
C LEU A 82 8.79 -13.97 -14.82
N GLY A 83 7.57 -13.98 -14.32
CA GLY A 83 6.56 -14.95 -14.73
C GLY A 83 6.54 -16.24 -13.94
N THR A 84 7.20 -16.30 -12.79
CA THR A 84 7.18 -17.54 -12.01
C THR A 84 5.83 -17.78 -11.31
N HIS A 85 5.08 -16.71 -11.00
CA HIS A 85 3.64 -16.84 -10.89
C HIS A 85 3.00 -15.64 -11.56
N GLU A 86 1.69 -15.66 -11.72
CA GLU A 86 1.03 -14.83 -12.71
C GLU A 86 0.62 -13.46 -12.21
N LEU A 87 0.26 -13.37 -10.93
CA LEU A 87 -0.42 -12.21 -10.37
C LEU A 87 0.05 -11.93 -8.97
N THR A 88 0.03 -10.67 -8.57
CA THR A 88 0.19 -10.36 -7.17
C THR A 88 -0.60 -9.09 -6.88
N PHE A 89 -0.95 -8.90 -5.62
CA PHE A 89 -1.56 -7.68 -5.13
C PHE A 89 -0.59 -7.12 -4.11
N SER A 90 -0.11 -5.90 -4.35
CA SER A 90 0.93 -5.30 -3.53
C SER A 90 0.61 -3.86 -3.25
N SER A 91 0.98 -3.38 -2.09
CA SER A 91 1.09 -1.95 -1.87
C SER A 91 2.10 -1.33 -2.83
N SER A 92 2.07 -0.01 -2.89
CA SER A 92 3.05 0.71 -3.70
C SER A 92 4.46 0.66 -3.09
N GLY A 93 4.59 0.15 -1.88
CA GLY A 93 5.85 0.18 -1.18
C GLY A 93 7.09 -0.18 -1.98
N PRO A 94 7.17 -1.42 -2.47
CA PRO A 94 8.39 -1.84 -3.15
C PRO A 94 8.42 -1.51 -4.64
N ILE A 95 7.37 -0.85 -5.12
CA ILE A 95 7.22 -0.63 -6.55
C ILE A 95 8.29 0.25 -7.21
N PRO A 96 8.79 1.30 -6.54
CA PRO A 96 9.73 2.19 -7.25
C PRO A 96 10.97 1.49 -7.77
N ASN A 97 11.36 0.38 -7.17
CA ASN A 97 12.48 -0.38 -7.68
C ASN A 97 12.23 -0.92 -9.08
N PHE A 98 10.96 -1.12 -9.40
CA PHE A 98 10.53 -1.69 -10.68
C PHE A 98 9.99 -0.62 -11.65
N VAL A 99 9.23 0.32 -11.12
CA VAL A 99 8.51 1.33 -11.90
C VAL A 99 8.72 2.64 -11.16
N PRO A 100 9.71 3.45 -11.59
CA PRO A 100 10.07 4.62 -10.79
C PRO A 100 8.99 5.69 -10.71
N GLU A 101 8.08 5.71 -11.67
CA GLU A 101 7.13 6.81 -11.79
C GLU A 101 6.11 6.87 -10.67
N THR A 102 5.94 5.81 -9.89
CA THR A 102 4.96 5.83 -8.80
C THR A 102 5.44 6.57 -7.56
N LYS A 103 6.70 6.99 -7.49
CA LYS A 103 7.27 7.56 -6.26
C LYS A 103 6.46 8.74 -5.74
N ILE A 104 5.90 9.55 -6.63
CA ILE A 104 5.17 10.74 -6.20
C ILE A 104 4.01 10.38 -5.26
N LEU A 105 3.42 9.22 -5.44
CA LEU A 105 2.28 8.83 -4.62
C LEU A 105 2.63 8.59 -3.17
N ASP A 106 3.91 8.38 -2.90
CA ASP A 106 4.41 8.00 -1.59
C ASP A 106 4.86 9.21 -0.77
N VAL A 107 4.69 10.40 -1.31
CA VAL A 107 5.10 11.64 -0.65
C VAL A 107 4.21 11.90 0.57
N PRO A 108 4.81 12.22 1.72
CA PRO A 108 3.98 12.45 2.91
C PRO A 108 3.03 13.63 2.76
N PHE A 109 1.82 13.43 3.28
CA PHE A 109 0.81 14.48 3.41
C PHE A 109 0.36 15.07 2.08
N LEU A 110 0.56 14.33 1.00
CA LEU A 110 0.12 14.75 -0.34
C LEU A 110 -1.39 14.66 -0.51
N PHE A 111 -1.98 13.60 0.03
CA PHE A 111 -3.41 13.37 -0.12
C PHE A 111 -4.16 13.78 1.14
N ARG A 112 -5.22 14.56 0.98
CA ARG A 112 -6.00 15.06 2.10
C ARG A 112 -6.78 14.00 2.88
N ASP A 113 -7.34 13.04 2.15
CA ASP A 113 -8.19 12.02 2.75
C ASP A 113 -8.34 10.90 1.72
N LYS A 114 -8.99 9.81 2.10
CA LYS A 114 -9.11 8.66 1.21
C LYS A 114 -9.91 9.00 -0.05
N ALA A 115 -10.95 9.82 0.08
CA ALA A 115 -11.73 10.20 -1.10
C ALA A 115 -10.86 10.89 -2.14
N HIS A 116 -10.00 11.80 -1.71
CA HIS A 116 -9.07 12.51 -2.59
C HIS A 116 -8.15 11.52 -3.29
N ALA A 117 -7.55 10.64 -2.50
CA ALA A 117 -6.59 9.70 -3.05
C ALA A 117 -7.24 8.78 -4.06
N ARG A 118 -8.40 8.25 -3.70
CA ARG A 118 -9.09 7.30 -4.58
C ARG A 118 -9.50 7.97 -5.87
N ALA A 119 -9.97 9.21 -5.79
CA ALA A 119 -10.37 9.95 -6.98
C ALA A 119 -9.16 10.18 -7.90
N VAL A 120 -8.03 10.56 -7.32
CA VAL A 120 -6.81 10.77 -8.10
C VAL A 120 -6.41 9.48 -8.82
N LEU A 121 -6.41 8.39 -8.08
CA LEU A 121 -5.95 7.14 -8.65
C LEU A 121 -6.91 6.60 -9.72
N ASP A 122 -8.21 6.79 -9.55
CA ASP A 122 -9.17 6.24 -10.51
C ASP A 122 -9.26 7.09 -11.77
N GLY A 123 -9.01 8.39 -11.62
CA GLY A 123 -9.10 9.32 -12.72
C GLY A 123 -7.84 9.38 -13.57
N PRO A 124 -7.72 10.44 -14.39
N PRO A 124 -7.72 10.44 -14.37
N PRO A 124 -7.75 10.37 -14.47
CA PRO A 124 -6.69 10.51 -15.42
CA PRO A 124 -6.69 10.54 -15.42
CA PRO A 124 -6.65 10.36 -15.44
C PRO A 124 -5.26 10.45 -14.88
C PRO A 124 -5.27 10.47 -14.89
C PRO A 124 -5.24 10.37 -14.85
N ILE A 125 -5.04 10.96 -13.69
CA ILE A 125 -3.70 10.98 -13.11
C ILE A 125 -3.25 9.54 -12.81
N GLY A 126 -4.09 8.80 -12.12
CA GLY A 126 -3.82 7.40 -11.82
C GLY A 126 -3.76 6.52 -13.07
N GLN A 127 -4.63 6.80 -14.04
N GLN A 127 -4.64 6.81 -14.03
CA GLN A 127 -4.56 6.03 -15.28
CA GLN A 127 -4.63 6.08 -15.29
C GLN A 127 -3.20 6.18 -15.91
C GLN A 127 -3.29 6.22 -16.01
N GLU A 128 -2.72 7.42 -16.00
CA GLU A 128 -1.42 7.65 -16.61
C GLU A 128 -0.36 6.84 -15.90
N LEU A 129 -0.43 6.75 -14.58
CA LEU A 129 0.57 5.97 -13.85
C LEU A 129 0.47 4.48 -14.18
N LEU A 130 -0.74 3.96 -14.41
CA LEU A 130 -0.87 2.55 -14.80
C LEU A 130 -0.09 2.28 -16.09
N THR A 131 -0.06 3.25 -16.99
CA THR A 131 0.61 3.03 -18.28
C THR A 131 2.12 2.81 -18.11
N ARG A 132 2.68 3.30 -17.02
CA ARG A 132 4.12 3.22 -16.81
C ARG A 132 4.59 1.81 -16.48
N PHE A 133 3.65 0.91 -16.19
CA PHE A 133 3.98 -0.47 -15.87
C PHE A 133 4.21 -1.30 -17.13
N ASP A 134 3.64 -0.88 -18.25
N ASP A 134 3.67 -0.88 -18.26
CA ASP A 134 3.70 -1.64 -19.50
CA ASP A 134 3.73 -1.66 -19.47
C ASP A 134 5.15 -1.93 -19.93
C ASP A 134 5.16 -1.92 -19.94
N GLY A 135 5.99 -0.89 -19.92
CA GLY A 135 7.36 -1.02 -20.37
C GLY A 135 8.25 -1.77 -19.42
N LYS A 136 7.73 -2.09 -18.24
CA LYS A 136 8.48 -2.83 -17.23
C LYS A 136 7.96 -4.26 -17.06
N GLY A 137 7.11 -4.72 -17.96
CA GLY A 137 6.77 -6.12 -18.00
C GLY A 137 5.54 -6.51 -17.18
N PHE A 138 4.71 -5.53 -16.83
CA PHE A 138 3.47 -5.81 -16.12
C PHE A 138 2.29 -5.29 -16.90
N LYS A 139 1.12 -5.88 -16.64
CA LYS A 139 -0.14 -5.18 -16.81
C LYS A 139 -0.63 -4.83 -15.42
N ALA A 140 -0.73 -3.53 -15.13
CA ALA A 140 -1.29 -3.06 -13.88
C ALA A 140 -2.79 -2.95 -14.10
N LEU A 141 -3.53 -3.91 -13.57
CA LEU A 141 -4.93 -4.06 -13.87
C LEU A 141 -5.76 -2.93 -13.27
N ALA A 142 -5.48 -2.58 -12.03
CA ALA A 142 -6.21 -1.51 -11.35
C ALA A 142 -5.49 -1.07 -10.10
N TRP A 143 -5.69 0.19 -9.74
CA TRP A 143 -5.34 0.72 -8.43
C TRP A 143 -6.36 0.26 -7.41
N ALA A 144 -5.86 -0.05 -6.23
CA ALA A 144 -6.65 -0.39 -5.08
C ALA A 144 -6.03 0.32 -3.88
N GLU A 145 -6.25 -0.18 -2.67
CA GLU A 145 -5.89 0.59 -1.48
C GLU A 145 -5.28 -0.26 -0.39
N ASN A 146 -4.23 0.28 0.20
CA ASN A 146 -3.71 -0.23 1.46
C ASN A 146 -4.22 0.66 2.62
N GLY A 147 -4.02 1.98 2.50
CA GLY A 147 -4.63 2.94 3.41
C GLY A 147 -3.66 4.03 3.85
N PHE A 148 -4.10 4.93 4.72
CA PHE A 148 -3.17 5.88 5.34
C PHE A 148 -2.38 5.15 6.41
N ARG A 149 -1.07 5.38 6.45
CA ARG A 149 -0.17 4.70 7.36
C ARG A 149 0.02 5.50 8.64
N HIS A 150 0.18 4.78 9.75
CA HIS A 150 0.28 5.35 11.10
C HIS A 150 1.47 4.76 11.83
N SER A 152 3.47 3.16 14.89
CA SER A 152 3.36 2.41 16.15
C SER A 152 4.75 2.16 16.70
N ASN A 153 4.86 1.97 18.01
CA ASN A 153 6.12 1.58 18.58
C ASN A 153 5.96 1.02 19.98
N SER A 154 7.06 0.50 20.52
N SER A 154 7.05 0.50 20.53
CA SER A 154 7.11 -0.15 21.82
CA SER A 154 7.03 -0.13 21.84
C SER A 154 7.65 0.75 22.92
C SER A 154 7.81 0.66 22.90
N LYS A 155 8.28 1.84 22.53
CA LYS A 155 9.10 2.66 23.44
C LYS A 155 8.34 3.78 24.14
N ARG A 156 7.54 4.57 23.43
CA ARG A 156 6.89 5.72 24.03
C ARG A 156 5.74 6.21 23.18
N ALA A 157 4.79 6.88 23.83
CA ALA A 157 3.72 7.53 23.11
C ALA A 157 4.27 8.67 22.23
N VAL A 158 3.73 8.76 21.03
CA VAL A 158 4.12 9.81 20.10
C VAL A 158 3.00 10.84 20.01
N LYS A 159 3.25 12.02 20.57
CA LYS A 159 2.26 13.10 20.55
C LYS A 159 2.68 14.24 19.62
N GLU A 160 3.98 14.36 19.35
CA GLU A 160 4.52 15.45 18.53
C GLU A 160 5.61 14.86 17.68
N PRO A 161 5.97 15.52 16.58
CA PRO A 161 6.98 14.94 15.69
C PRO A 161 8.31 14.70 16.41
N GLY A 162 8.67 15.55 17.36
CA GLY A 162 9.92 15.36 18.09
C GLY A 162 10.01 14.03 18.81
N ASP A 163 8.87 13.45 19.15
CA ASP A 163 8.84 12.18 19.85
C ASP A 163 9.32 11.02 18.97
N LEU A 164 9.34 11.22 17.65
CA LEU A 164 9.81 10.19 16.74
C LEU A 164 11.33 10.12 16.68
N LYS A 165 12.02 11.18 17.09
CA LYS A 165 13.46 11.23 16.95
C LYS A 165 14.12 10.08 17.69
N GLY A 166 14.97 9.34 17.00
CA GLY A 166 15.72 8.26 17.62
C GLY A 166 15.01 6.91 17.61
N LEU A 167 13.72 6.86 17.30
CA LEU A 167 13.06 5.57 17.21
C LEU A 167 13.65 4.75 16.09
N LYS A 168 13.83 3.46 16.37
CA LYS A 168 14.26 2.50 15.37
C LYS A 168 13.00 1.93 14.76
N ARG A 170 11.04 -0.06 11.46
CA ARG A 170 11.00 -0.77 10.20
C ARG A 170 10.26 0.08 9.18
N THR A 171 10.75 0.03 7.95
CA THR A 171 10.08 0.66 6.82
C THR A 171 9.91 -0.37 5.72
N GLU A 173 10.47 -1.17 1.60
CA GLU A 173 11.61 -1.04 0.72
C GLU A 173 11.32 0.06 -0.30
N ASN A 174 11.18 1.28 0.22
CA ASN A 174 10.67 2.43 -0.55
C ASN A 174 11.54 3.64 -0.25
N PRO A 175 12.16 4.25 -1.28
CA PRO A 175 13.12 5.32 -1.03
C PRO A 175 12.46 6.63 -0.54
N VAL A 176 11.22 6.85 -0.92
CA VAL A 176 10.53 8.08 -0.52
C VAL A 176 10.21 8.01 0.96
N HIS A 177 9.65 6.89 1.39
CA HIS A 177 9.39 6.69 2.82
C HIS A 177 10.66 6.76 3.65
N ILE A 178 11.71 6.11 3.20
CA ILE A 178 12.95 6.12 3.98
C ILE A 178 13.46 7.55 4.14
N ALA A 179 13.48 8.32 3.06
CA ALA A 179 13.95 9.71 3.14
C ALA A 179 13.05 10.54 4.04
N ALA A 180 11.74 10.35 3.93
CA ALA A 180 10.81 11.10 4.76
C ALA A 180 11.02 10.78 6.23
N TYR A 181 11.16 9.50 6.57
CA TYR A 181 11.21 9.14 7.98
C TYR A 181 12.54 9.55 8.60
N LYS A 182 13.61 9.51 7.82
CA LYS A 182 14.87 10.07 8.29
C LYS A 182 14.67 11.55 8.62
N GLY A 183 13.75 12.22 7.93
CA GLY A 183 13.42 13.61 8.20
C GLY A 183 12.81 13.86 9.57
N PHE A 184 12.20 12.83 10.15
CA PHE A 184 11.69 12.88 11.53
C PHE A 184 12.75 12.43 12.53
N GLY A 185 13.96 12.10 12.08
CA GLY A 185 14.99 11.61 12.97
C GLY A 185 14.87 10.12 13.30
N ILE A 186 14.03 9.41 12.56
CA ILE A 186 13.87 7.99 12.74
C ILE A 186 15.08 7.26 12.16
N VAL A 187 15.49 6.19 12.84
CA VAL A 187 16.53 5.31 12.34
C VAL A 187 15.83 4.17 11.60
N THR A 188 15.97 4.15 10.29
CA THR A 188 15.17 3.29 9.43
C THR A 188 15.80 1.92 9.16
N THR A 189 14.97 0.88 9.14
CA THR A 189 15.40 -0.44 8.71
C THR A 189 14.38 -1.00 7.73
N PRO A 190 14.70 -0.97 6.45
CA PRO A 190 13.78 -1.57 5.48
C PRO A 190 13.73 -3.09 5.65
N ALA A 192 11.18 -6.72 4.44
CA ALA A 192 10.02 -7.41 3.89
C ALA A 192 8.99 -7.63 4.99
N PHE A 193 7.71 -7.57 4.66
CA PHE A 193 6.68 -7.63 5.68
C PHE A 193 6.65 -8.92 6.45
N SER A 194 7.03 -10.01 5.80
CA SER A 194 7.01 -11.32 6.43
C SER A 194 7.94 -11.42 7.64
N GLU A 195 8.84 -10.47 7.81
CA GLU A 195 9.76 -10.42 8.95
C GLU A 195 9.30 -9.53 10.11
N VAL A 196 8.23 -8.77 9.90
CA VAL A 196 7.95 -7.66 10.79
C VAL A 196 7.38 -8.08 12.14
N PHE A 197 6.41 -8.99 12.19
CA PHE A 197 5.86 -9.36 13.49
C PHE A 197 6.98 -9.85 14.41
N THR A 198 7.83 -10.72 13.88
CA THR A 198 8.90 -11.27 14.70
C THR A 198 9.91 -10.20 15.12
N ALA A 199 10.24 -9.28 14.21
CA ALA A 199 11.17 -8.20 14.55
C ALA A 199 10.61 -7.32 15.67
N LEU A 200 9.32 -7.01 15.60
CA LEU A 200 8.69 -6.25 16.65
C LEU A 200 8.69 -7.02 17.97
N GLN A 201 8.36 -8.30 17.90
CA GLN A 201 8.30 -9.13 19.10
C GLN A 201 9.67 -9.20 19.77
N GLN A 202 10.73 -9.31 18.98
CA GLN A 202 12.09 -9.45 19.50
C GLN A 202 12.71 -8.12 19.90
N GLY A 203 12.11 -7.02 19.48
CA GLY A 203 12.61 -5.70 19.80
C GLY A 203 13.79 -5.25 18.97
N THR A 204 13.99 -5.93 17.84
N THR A 204 14.00 -5.86 17.80
CA THR A 204 15.03 -5.53 16.88
CA THR A 204 15.12 -5.44 16.94
C THR A 204 14.81 -4.06 16.51
C THR A 204 14.83 -4.10 16.26
N VAL A 205 13.56 -3.72 16.23
CA VAL A 205 13.17 -2.35 15.97
C VAL A 205 12.14 -1.99 17.05
N ASP A 206 12.02 -0.71 17.33
CA ASP A 206 11.02 -0.23 18.26
C ASP A 206 9.63 -0.29 17.65
N GLY A 207 9.52 -0.04 16.35
CA GLY A 207 8.22 0.11 15.75
C GLY A 207 8.19 -0.02 14.25
N GLN A 208 7.06 0.38 13.69
CA GLN A 208 6.78 0.27 12.27
C GLN A 208 5.66 1.24 11.96
N GLU A 209 5.20 1.24 10.72
CA GLU A 209 4.10 2.11 10.34
C GLU A 209 3.26 1.42 9.28
N ASN A 210 1.96 1.55 9.39
CA ASN A 210 1.04 0.82 8.52
C ASN A 210 -0.36 1.33 8.75
N PRO A 211 -1.27 1.06 7.79
CA PRO A 211 -2.67 1.42 8.04
C PRO A 211 -3.31 0.60 9.14
N LEU A 212 -4.39 1.12 9.68
CA LEU A 212 -5.18 0.36 10.66
C LEU A 212 -5.57 -1.01 10.12
N SER A 213 -5.89 -1.12 8.84
CA SER A 213 -6.25 -2.40 8.27
C SER A 213 -5.17 -3.46 8.47
N VAL A 214 -3.91 -3.05 8.43
CA VAL A 214 -2.79 -3.95 8.64
C VAL A 214 -2.52 -4.17 10.13
N ILE A 215 -2.49 -3.09 10.90
CA ILE A 215 -2.20 -3.21 12.32
C ILE A 215 -3.19 -4.14 13.00
N ILE A 216 -4.47 -4.00 12.65
CA ILE A 216 -5.49 -4.87 13.24
C ILE A 216 -5.34 -6.32 12.77
N SER A 217 -5.25 -6.53 11.47
CA SER A 217 -5.27 -7.88 10.92
C SER A 217 -3.99 -8.64 11.25
N ALA A 218 -2.88 -7.94 11.39
CA ALA A 218 -1.60 -8.55 11.76
C ALA A 218 -1.43 -8.67 13.26
N LYS A 219 -2.40 -8.18 14.03
CA LYS A 219 -2.38 -8.28 15.50
C LYS A 219 -1.16 -7.60 16.09
N PHE A 220 -0.80 -6.44 15.57
CA PHE A 220 0.36 -5.74 16.07
C PHE A 220 0.14 -5.16 17.48
N ASP A 221 -1.10 -5.12 17.93
CA ASP A 221 -1.37 -4.80 19.32
C ASP A 221 -0.65 -5.75 20.27
N GLN A 222 -0.35 -6.97 19.81
CA GLN A 222 0.34 -7.93 20.67
C GLN A 222 1.82 -7.62 20.87
N VAL A 223 2.38 -6.81 19.98
CA VAL A 223 3.82 -6.53 19.99
C VAL A 223 4.14 -5.03 19.94
N GLN A 224 3.12 -4.18 20.06
CA GLN A 224 3.27 -2.74 20.05
C GLN A 224 2.33 -2.14 21.07
N LYS A 225 2.88 -1.39 22.01
CA LYS A 225 2.10 -0.73 23.04
C LYS A 225 1.47 0.58 22.58
N HIS A 226 2.11 1.27 21.64
CA HIS A 226 1.76 2.63 21.27
C HIS A 226 1.41 2.73 19.80
N LEU A 227 0.40 3.54 19.52
CA LEU A 227 0.02 3.89 18.16
C LEU A 227 -0.41 5.34 18.13
N THR A 228 0.01 6.08 17.11
CA THR A 228 -0.49 7.43 16.85
C THR A 228 -1.01 7.49 15.45
N LEU A 229 -2.17 8.10 15.28
CA LEU A 229 -2.77 8.24 13.95
C LEU A 229 -2.16 9.42 13.20
N THR A 230 -0.88 9.26 12.87
CA THR A 230 -0.16 10.26 12.09
C THR A 230 -0.67 10.39 10.66
N GLY A 231 -1.15 9.32 10.06
CA GLY A 231 -1.68 9.36 8.71
C GLY A 231 -0.68 10.00 7.76
N HIS A 232 0.58 9.66 7.88
CA HIS A 232 1.66 10.49 7.33
C HIS A 232 1.88 10.28 5.85
N VAL A 233 1.47 9.12 5.33
CA VAL A 233 1.50 8.87 3.89
C VAL A 233 0.27 8.05 3.54
N TYR A 234 -0.20 8.19 2.30
CA TYR A 234 -1.21 7.31 1.75
C TYR A 234 -0.52 6.18 1.04
N SER A 235 -0.99 4.95 1.27
CA SER A 235 -0.43 3.75 0.68
C SER A 235 -1.43 3.15 -0.32
N PRO A 236 -1.24 3.42 -1.62
CA PRO A 236 -2.02 2.73 -2.64
C PRO A 236 -1.64 1.26 -2.69
N ALA A 237 -2.45 0.49 -3.40
CA ALA A 237 -2.11 -0.87 -3.75
C ALA A 237 -2.49 -1.12 -5.20
N LEU A 238 -2.03 -2.24 -5.75
CA LEU A 238 -2.14 -2.56 -7.18
C LEU A 238 -2.42 -4.05 -7.37
N PHE A 239 -3.28 -4.37 -8.35
CA PHE A 239 -3.30 -5.69 -8.95
C PHE A 239 -2.32 -5.69 -10.11
N LEU A 240 -1.33 -6.57 -10.06
CA LEU A 240 -0.31 -6.71 -11.11
C LEU A 240 -0.35 -8.09 -11.75
N ASN A 242 1.63 -10.52 -14.95
CA ASN A 242 2.70 -10.64 -15.91
C ASN A 242 2.21 -10.17 -17.28
N LYS A 243 2.97 -9.29 -17.94
CA LYS A 243 2.48 -8.68 -19.16
C LYS A 243 2.30 -9.67 -20.29
N ALA A 244 3.28 -10.53 -20.51
CA ALA A 244 3.19 -11.47 -21.61
C ALA A 244 1.97 -12.38 -21.44
N LEU A 245 1.70 -12.80 -20.21
CA LEU A 245 0.55 -13.63 -19.95
C LEU A 245 -0.76 -12.88 -20.20
N PHE A 246 -0.86 -11.66 -19.71
CA PHE A 246 -2.04 -10.85 -19.95
C PHE A 246 -2.28 -10.63 -21.44
N ASP A 247 -1.21 -10.33 -22.16
CA ASP A 247 -1.34 -10.02 -23.59
C ASP A 247 -1.80 -11.23 -24.41
N LYS A 248 -1.58 -12.45 -23.89
CA LYS A 248 -2.01 -13.64 -24.59
C LYS A 248 -3.46 -13.99 -24.33
N LEU A 249 -4.08 -13.40 -23.32
CA LEU A 249 -5.52 -13.61 -23.10
C LEU A 249 -6.28 -13.07 -24.29
N PRO A 250 -7.38 -13.74 -24.67
CA PRO A 250 -8.29 -13.15 -25.65
C PRO A 250 -8.77 -11.77 -25.17
N ALA A 251 -9.08 -10.87 -26.09
CA ALA A 251 -9.47 -9.52 -25.73
C ALA A 251 -10.60 -9.47 -24.68
N ALA A 252 -11.62 -10.29 -24.85
CA ALA A 252 -12.73 -10.26 -23.90
C ALA A 252 -12.29 -10.70 -22.50
N ASP A 253 -11.31 -11.60 -22.44
CA ASP A 253 -10.81 -12.05 -21.15
C ASP A 253 -9.87 -11.03 -20.51
N GLN A 254 -9.10 -10.31 -21.32
CA GLN A 254 -8.36 -9.16 -20.82
C GLN A 254 -9.31 -8.21 -20.12
N GLN A 255 -10.42 -7.87 -20.76
CA GLN A 255 -11.39 -6.97 -20.16
C GLN A 255 -11.97 -7.54 -18.87
N ALA A 256 -12.24 -8.84 -18.86
CA ALA A 256 -12.76 -9.50 -17.66
C ALA A 256 -11.76 -9.40 -16.50
N PHE A 257 -10.47 -9.57 -16.76
CA PHE A 257 -9.47 -9.46 -15.70
C PHE A 257 -9.39 -8.04 -15.15
N ILE A 258 -9.43 -7.05 -16.04
CA ILE A 258 -9.42 -5.65 -15.61
C ILE A 258 -10.65 -5.35 -14.76
N ASP A 259 -11.81 -5.76 -15.26
CA ASP A 259 -13.05 -5.48 -14.54
C ASP A 259 -13.09 -6.17 -13.19
N ALA A 260 -12.55 -7.40 -13.12
CA ALA A 260 -12.49 -8.14 -11.87
C ALA A 260 -11.59 -7.42 -10.87
N ALA A 261 -10.49 -6.84 -11.35
CA ALA A 261 -9.58 -6.10 -10.48
C ALA A 261 -10.26 -4.84 -9.97
N ARG A 262 -11.01 -4.15 -10.82
CA ARG A 262 -11.73 -2.97 -10.36
C ARG A 262 -12.78 -3.32 -9.31
N GLN A 263 -13.45 -4.44 -9.48
CA GLN A 263 -14.42 -4.86 -8.47
C GLN A 263 -13.71 -5.26 -7.17
N GLY A 264 -12.56 -5.92 -7.28
CA GLY A 264 -11.76 -6.20 -6.10
C GLY A 264 -11.37 -4.93 -5.36
N ALA A 265 -10.99 -3.89 -6.11
CA ALA A 265 -10.66 -2.62 -5.50
C ALA A 265 -11.84 -2.03 -4.74
N LYS A 266 -13.04 -2.14 -5.30
CA LYS A 266 -14.22 -1.60 -4.65
C LYS A 266 -14.43 -2.24 -3.27
N LEU A 267 -14.40 -3.56 -3.23
CA LEU A 267 -14.65 -4.25 -1.96
C LEU A 267 -13.50 -4.07 -0.96
N ASN A 268 -12.28 -4.01 -1.48
CA ASN A 268 -11.09 -3.66 -0.71
C ASN A 268 -11.24 -2.32 -0.01
N ARG A 269 -11.62 -1.29 -0.75
CA ARG A 269 -11.79 0.03 -0.20
C ARG A 269 -12.89 0.06 0.85
N ALA A 270 -13.96 -0.69 0.63
CA ALA A 270 -15.04 -0.74 1.62
C ALA A 270 -14.54 -1.35 2.93
N ARG A 271 -13.69 -2.37 2.85
CA ARG A 271 -13.13 -2.95 4.05
C ARG A 271 -12.19 -1.98 4.77
N VAL A 272 -11.38 -1.25 4.02
CA VAL A 272 -10.54 -0.21 4.61
C VAL A 272 -11.41 0.79 5.36
N ASP A 273 -12.53 1.21 4.78
CA ASP A 273 -13.41 2.14 5.46
C ASP A 273 -13.90 1.57 6.79
N GLU A 274 -14.27 0.30 6.79
CA GLU A 274 -14.77 -0.35 7.99
C GLU A 274 -13.67 -0.45 9.04
N ASP A 275 -12.47 -0.83 8.63
CA ASP A 275 -11.34 -0.93 9.53
C ASP A 275 -11.01 0.42 10.16
N ASP A 276 -11.01 1.47 9.35
CA ASP A 276 -10.66 2.79 9.85
C ASP A 276 -11.72 3.30 10.83
N ALA A 277 -12.99 2.96 10.62
CA ALA A 277 -14.06 3.44 11.49
C ALA A 277 -13.99 2.77 12.85
N LYS A 278 -13.59 1.51 12.92
CA LYS A 278 -13.63 0.75 14.16
C LYS A 278 -12.29 0.64 14.83
N GLY A 279 -11.23 1.03 14.15
CA GLY A 279 -9.91 0.65 14.56
C GLY A 279 -9.44 1.21 15.90
N VAL A 280 -9.70 2.47 16.19
CA VAL A 280 -9.24 3.05 17.44
C VAL A 280 -9.88 2.29 18.62
N ALA A 281 -11.19 2.10 18.58
CA ALA A 281 -11.88 1.39 19.65
C ALA A 281 -11.37 -0.05 19.75
N ASP A 282 -11.20 -0.70 18.61
CA ASP A 282 -10.76 -2.09 18.59
C ASP A 282 -9.38 -2.24 19.26
N LEU A 283 -8.44 -1.38 18.88
CA LEU A 283 -7.08 -1.48 19.38
C LEU A 283 -6.96 -1.02 20.83
N ARG A 284 -7.75 -0.05 21.25
CA ARG A 284 -7.76 0.33 22.66
C ARG A 284 -8.26 -0.83 23.50
N ALA A 285 -9.28 -1.53 23.03
CA ALA A 285 -9.82 -2.65 23.79
C ALA A 285 -8.80 -3.79 23.89
N LYS A 286 -7.90 -3.87 22.93
CA LYS A 286 -6.82 -4.86 22.92
C LYS A 286 -5.59 -4.36 23.67
N GLY A 287 -5.70 -3.22 24.33
CA GLY A 287 -4.68 -2.77 25.25
C GLY A 287 -3.67 -1.77 24.72
N THR A 289 -2.23 1.89 23.64
CA THR A 289 -2.45 3.30 23.88
C THR A 289 -2.44 3.98 22.52
N VAL A 290 -3.59 4.50 22.13
CA VAL A 290 -3.80 5.05 20.79
C VAL A 290 -4.00 6.54 20.90
N ILE A 291 -3.03 7.29 20.35
CA ILE A 291 -3.12 8.75 20.29
C ILE A 291 -3.82 9.12 18.99
N ASP A 292 -5.03 9.64 19.11
CA ASP A 292 -5.83 10.04 17.97
C ASP A 292 -6.12 11.54 17.98
N ASN A 293 -5.47 12.27 18.87
CA ASN A 293 -5.56 13.72 18.92
C ASN A 293 -4.16 14.28 18.78
N ILE A 294 -3.79 14.60 17.54
CA ILE A 294 -2.52 15.26 17.27
C ILE A 294 -2.79 16.47 16.41
N ASP A 295 -1.79 17.34 16.28
CA ASP A 295 -1.83 18.46 15.35
C ASP A 295 -0.98 18.09 14.14
N LYS A 296 -1.63 17.57 13.11
CA LYS A 296 -0.93 17.09 11.93
C LYS A 296 -0.08 18.16 11.28
N ALA A 297 -0.52 19.41 11.36
CA ALA A 297 0.22 20.48 10.74
C ALA A 297 1.64 20.56 11.30
N ARG A 298 1.85 20.18 12.55
CA ARG A 298 3.19 20.20 13.11
C ARG A 298 4.07 19.10 12.52
N PHE A 299 3.46 17.98 12.16
CA PHE A 299 4.22 16.90 11.52
C PHE A 299 4.62 17.30 10.10
N VAL A 300 3.73 17.99 9.40
CA VAL A 300 4.05 18.54 8.08
C VAL A 300 5.21 19.52 8.20
N ALA A 301 5.12 20.42 9.15
CA ALA A 301 6.18 21.41 9.31
C ALA A 301 7.54 20.76 9.59
N ALA A 302 7.55 19.69 10.39
CA ALA A 302 8.80 19.00 10.72
C ALA A 302 9.49 18.43 9.47
N LEU A 303 8.69 18.06 8.48
CA LEU A 303 9.24 17.50 7.25
C LEU A 303 9.63 18.55 6.20
N ALA A 304 9.57 19.84 6.51
CA ALA A 304 9.79 20.87 5.49
C ALA A 304 11.05 20.66 4.65
N PRO A 305 12.19 20.36 5.29
CA PRO A 305 13.41 20.19 4.48
C PRO A 305 13.30 19.05 3.47
N VAL A 306 12.73 17.92 3.88
N VAL A 306 12.75 17.92 3.91
CA VAL A 306 12.61 16.79 2.95
CA VAL A 306 12.58 16.80 3.02
C VAL A 306 11.48 17.01 1.94
C VAL A 306 11.57 17.14 1.93
N ASN A 307 10.47 17.79 2.30
CA ASN A 307 9.48 18.14 1.31
C ASN A 307 10.06 19.08 0.26
N ALA A 308 10.99 19.95 0.63
CA ALA A 308 11.62 20.81 -0.36
C ALA A 308 12.38 19.93 -1.38
N GLN A 309 12.97 18.85 -0.90
N GLN A 309 13.00 18.87 -0.89
CA GLN A 309 13.67 17.93 -1.80
CA GLN A 309 13.67 17.93 -1.77
C GLN A 309 12.71 17.13 -2.68
C GLN A 309 12.67 17.24 -2.70
N PHE A 310 11.54 16.80 -2.16
CA PHE A 310 10.53 16.15 -2.99
C PHE A 310 10.01 17.12 -4.05
N GLU A 311 9.87 18.40 -3.74
CA GLU A 311 9.43 19.35 -4.74
C GLU A 311 10.42 19.45 -5.89
N LYS A 312 11.71 19.44 -5.56
CA LYS A 312 12.74 19.48 -6.59
C LYS A 312 12.71 18.19 -7.41
N GLN A 313 12.43 17.08 -6.75
CA GLN A 313 12.43 15.79 -7.42
C GLN A 313 11.25 15.61 -8.37
N PHE A 314 10.05 15.96 -7.93
CA PHE A 314 8.85 15.69 -8.70
C PHE A 314 8.35 16.90 -9.48
N GLY A 315 8.72 18.09 -9.02
CA GLY A 315 8.25 19.31 -9.62
C GLY A 315 6.93 19.78 -9.04
N LYS A 316 6.78 21.09 -8.95
CA LYS A 316 5.53 21.67 -8.50
C LYS A 316 4.39 21.29 -9.41
N ALA A 317 4.62 21.22 -10.71
CA ALA A 317 3.53 20.95 -11.63
C ALA A 317 2.82 19.64 -11.27
N ALA A 318 3.59 18.58 -11.06
CA ALA A 318 3.00 17.28 -10.80
C ALA A 318 2.39 17.20 -9.40
N LEU A 319 3.03 17.83 -8.42
CA LEU A 319 2.49 17.82 -7.07
C LEU A 319 1.20 18.63 -7.00
N GLU A 320 1.19 19.80 -7.63
CA GLU A 320 0.00 20.65 -7.62
C GLU A 320 -1.13 20.03 -8.42
N GLN A 321 -0.79 19.31 -9.48
CA GLN A 321 -1.80 18.59 -10.26
C GLN A 321 -2.58 17.62 -9.35
N ILE A 322 -1.88 16.90 -8.49
CA ILE A 322 -2.52 16.01 -7.53
C ILE A 322 -3.30 16.78 -6.46
N ARG A 323 -2.69 17.83 -5.91
CA ARG A 323 -3.35 18.63 -4.88
C ARG A 323 -4.62 19.30 -5.38
N SER A 324 -4.63 19.71 -6.63
N SER A 324 -4.59 19.72 -6.63
CA SER A 324 -5.77 20.45 -7.17
CA SER A 324 -5.72 20.42 -7.23
C SER A 324 -6.90 19.53 -7.64
C SER A 324 -6.95 19.53 -7.27
N ALA A 325 -6.72 18.23 -7.43
CA ALA A 325 -7.79 17.27 -7.67
C ALA A 325 -8.82 17.33 -6.56
N GLN A 326 -10.08 17.21 -6.97
CA GLN A 326 -11.26 17.81 -6.34
C GLN A 326 -11.39 17.68 -4.83
#